data_3IFE
#
_entry.id   3IFE
#
_cell.length_a   89.216
_cell.length_b   142.739
_cell.length_c   40.993
_cell.angle_alpha   90.00
_cell.angle_beta   90.00
_cell.angle_gamma   90.00
#
_symmetry.space_group_name_H-M   'P 21 21 2'
#
loop_
_entity.id
_entity.type
_entity.pdbx_description
1 polymer 'Peptidase T'
2 branched beta-D-fructofuranose-(2-1)-alpha-D-glucopyranose
3 non-polymer 'ZINC ION'
4 non-polymer 'SODIUM ION'
5 non-polymer 'SULFATE ION'
6 water water
#
_entity_poly.entity_id   1
_entity_poly.type   'polypeptide(L)'
_entity_poly.pdbx_seq_one_letter_code
;MHHHHHHSSGVDLGTENLYFQSNAMKEELIERFTRYVKIDTQSNEDSHTVPTTPGQIEFGKLLVEELKEVGLTEVTMDDN
GYVMATLPANTDKDVPVIGFLAHLDTATDFTGKNVKPQIHENFDGNAITLNEELNIVLTPEQFPELPSYKGHTIITTDGT
TLLGADDKAGLTEIMVAMNYLIHNPQIKHGKIRVAFTPDEEIGRGPAHFDVEAFGASFAYMMDGGPLGGLEYESFNAAGA
KLTFNGTNTHPGTAKNKMRNATKLAMEFNGHLPVEEAPEYTEGYEGFYHLLSLNGDVEQSKAYYIIRDFDRKNFEARKNT
IENIVKQMQEKYGQDAVVLEMNDQYYNMLEKIEPVREIVDIAYEAMKSLNIEPNIHPIRGGTDGSQLSYMGLPTPNIFTG
GENYHGKFEYVSVDVMEKAVQVIIEIARRFEEQA
;
_entity_poly.pdbx_strand_id   A
#
# COMPACT_ATOMS: atom_id res chain seq x y z
N TYR A 19 16.04 -4.58 -30.07
CA TYR A 19 14.69 -3.94 -29.96
C TYR A 19 13.58 -4.94 -29.70
N PHE A 20 13.83 -6.21 -30.03
CA PHE A 20 12.77 -7.22 -29.91
C PHE A 20 12.09 -7.33 -28.54
N GLN A 21 12.90 -7.42 -27.49
N GLN A 21 12.88 -7.44 -27.47
CA GLN A 21 12.41 -7.56 -26.13
CA GLN A 21 12.31 -7.58 -26.14
C GLN A 21 11.54 -6.37 -25.70
C GLN A 21 11.49 -6.35 -25.73
N SER A 22 12.03 -5.16 -25.94
CA SER A 22 11.31 -3.94 -25.57
C SER A 22 10.07 -3.77 -26.42
N ASN A 23 10.15 -4.07 -27.73
CA ASN A 23 8.97 -3.99 -28.60
C ASN A 23 7.85 -4.84 -28.05
N ALA A 24 8.16 -6.11 -27.80
CA ALA A 24 7.16 -7.05 -27.31
C ALA A 24 6.58 -6.62 -25.95
N MET A 25 7.44 -6.14 -25.06
N MET A 25 7.46 -6.15 -25.06
CA MET A 25 6.98 -5.78 -23.74
CA MET A 25 7.04 -5.73 -23.74
C MET A 25 6.13 -4.49 -23.74
C MET A 25 6.14 -4.50 -23.76
N LYS A 26 6.58 -3.44 -24.42
CA LYS A 26 5.80 -2.19 -24.47
C LYS A 26 4.40 -2.43 -25.05
N GLU A 27 4.37 -3.17 -26.15
N GLU A 27 4.32 -3.13 -26.16
CA GLU A 27 3.11 -3.49 -26.84
CA GLU A 27 3.02 -3.34 -26.78
C GLU A 27 2.13 -4.18 -25.90
C GLU A 27 2.09 -4.19 -25.90
N GLU A 28 2.62 -5.21 -25.24
CA GLU A 28 1.80 -6.03 -24.35
C GLU A 28 1.33 -5.24 -23.13
N LEU A 29 2.24 -4.46 -22.55
CA LEU A 29 1.91 -3.64 -21.40
C LEU A 29 0.76 -2.68 -21.71
N ILE A 30 0.86 -1.99 -22.84
CA ILE A 30 -0.18 -1.04 -23.23
C ILE A 30 -1.49 -1.77 -23.54
N GLU A 31 -1.41 -2.89 -24.26
CA GLU A 31 -2.62 -3.65 -24.63
C GLU A 31 -3.39 -4.10 -23.39
N ARG A 32 -2.72 -4.77 -22.48
CA ARG A 32 -3.38 -5.25 -21.27
C ARG A 32 -3.82 -4.11 -20.36
N PHE A 33 -2.93 -3.16 -20.10
CA PHE A 33 -3.26 -2.05 -19.19
C PHE A 33 -4.48 -1.29 -19.66
N THR A 34 -4.52 -0.91 -20.94
N THR A 34 -4.49 -0.94 -20.95
CA THR A 34 -5.66 -0.14 -21.43
CA THR A 34 -5.62 -0.22 -21.55
C THR A 34 -6.96 -0.95 -21.37
C THR A 34 -6.91 -0.96 -21.29
N ARG A 35 -6.90 -2.26 -21.58
CA ARG A 35 -8.08 -3.11 -21.41
C ARG A 35 -8.57 -3.07 -19.94
N TYR A 36 -7.64 -3.22 -19.01
CA TYR A 36 -8.02 -3.27 -17.60
C TYR A 36 -8.59 -1.97 -17.03
N VAL A 37 -8.03 -0.83 -17.41
CA VAL A 37 -8.50 0.43 -16.84
C VAL A 37 -9.91 0.77 -17.31
N LYS A 38 -10.31 0.22 -18.44
CA LYS A 38 -11.65 0.45 -18.97
C LYS A 38 -12.76 -0.31 -18.22
N ILE A 39 -12.38 -1.21 -17.31
CA ILE A 39 -13.31 -1.95 -16.49
C ILE A 39 -13.46 -1.23 -15.15
N ASP A 40 -14.70 -0.90 -14.79
CA ASP A 40 -14.98 -0.22 -13.52
C ASP A 40 -14.82 -1.22 -12.39
N THR A 41 -13.78 -1.04 -11.58
CA THR A 41 -13.52 -1.95 -10.47
C THR A 41 -13.45 -1.20 -9.13
N GLN A 42 -14.02 0.00 -9.09
CA GLN A 42 -14.02 0.74 -7.85
C GLN A 42 -14.72 -0.09 -6.77
N SER A 43 -14.14 -0.10 -5.58
CA SER A 43 -14.72 -0.81 -4.44
C SER A 43 -15.69 0.12 -3.71
N ASN A 44 -16.53 -0.44 -2.84
CA ASN A 44 -17.51 0.34 -2.10
C ASN A 44 -17.73 -0.26 -0.70
N GLU A 45 -17.28 0.45 0.32
CA GLU A 45 -17.40 -0.04 1.70
C GLU A 45 -18.86 -0.18 2.19
N ASP A 46 -19.79 0.54 1.54
CA ASP A 46 -21.20 0.46 1.92
C ASP A 46 -21.79 -0.89 1.57
N SER A 47 -21.16 -1.62 0.66
CA SER A 47 -21.58 -2.95 0.30
C SER A 47 -20.84 -3.90 1.23
N HIS A 48 -21.49 -5.00 1.57
CA HIS A 48 -20.86 -5.96 2.48
C HIS A 48 -20.67 -7.34 1.87
N THR A 49 -20.81 -7.41 0.54
CA THR A 49 -20.53 -8.64 -0.17
C THR A 49 -19.01 -8.66 -0.35
N VAL A 50 -18.47 -9.81 -0.71
CA VAL A 50 -17.04 -9.92 -0.99
C VAL A 50 -16.94 -10.60 -2.35
N PRO A 51 -16.46 -9.89 -3.40
CA PRO A 51 -16.05 -8.48 -3.42
C PRO A 51 -17.23 -7.54 -3.27
N THR A 52 -16.95 -6.30 -2.88
CA THR A 52 -17.98 -5.30 -2.65
C THR A 52 -18.72 -4.81 -3.88
N THR A 53 -18.10 -4.91 -5.05
CA THR A 53 -18.71 -4.46 -6.31
C THR A 53 -18.58 -5.50 -7.44
N PRO A 54 -19.57 -5.57 -8.32
CA PRO A 54 -19.54 -6.55 -9.40
C PRO A 54 -18.41 -6.37 -10.41
N GLY A 55 -17.96 -5.13 -10.59
CA GLY A 55 -16.85 -4.86 -11.50
C GLY A 55 -15.62 -5.68 -11.14
N GLN A 56 -15.42 -5.92 -9.84
CA GLN A 56 -14.26 -6.71 -9.40
C GLN A 56 -14.38 -8.15 -9.82
N ILE A 57 -15.62 -8.66 -9.81
CA ILE A 57 -15.91 -10.02 -10.27
C ILE A 57 -15.68 -10.11 -11.79
N GLU A 58 -16.13 -9.11 -12.54
N GLU A 58 -16.12 -9.07 -12.51
CA GLU A 58 -15.88 -9.14 -13.99
CA GLU A 58 -15.94 -8.97 -13.95
C GLU A 58 -14.39 -9.13 -14.27
C GLU A 58 -14.45 -9.04 -14.31
N PHE A 59 -13.65 -8.29 -13.56
CA PHE A 59 -12.21 -8.22 -13.78
C PHE A 59 -11.53 -9.56 -13.42
N GLY A 60 -11.92 -10.13 -12.30
CA GLY A 60 -11.39 -11.43 -11.88
C GLY A 60 -11.64 -12.54 -12.90
N LYS A 61 -12.86 -12.63 -13.42
CA LYS A 61 -13.21 -13.65 -14.40
CA LYS A 61 -13.18 -13.65 -14.42
C LYS A 61 -12.40 -13.43 -15.69
N LEU A 62 -12.18 -12.17 -16.05
CA LEU A 62 -11.40 -11.87 -17.25
C LEU A 62 -9.96 -12.37 -17.05
N LEU A 63 -9.42 -12.10 -15.87
CA LEU A 63 -8.05 -12.51 -15.54
C LEU A 63 -7.88 -14.03 -15.47
N VAL A 64 -8.88 -14.73 -14.96
CA VAL A 64 -8.83 -16.18 -14.94
C VAL A 64 -8.62 -16.69 -16.38
N GLU A 65 -9.37 -16.16 -17.34
CA GLU A 65 -9.22 -16.62 -18.71
C GLU A 65 -7.86 -16.20 -19.29
N GLU A 66 -7.41 -14.99 -18.93
CA GLU A 66 -6.11 -14.53 -19.41
C GLU A 66 -4.98 -15.38 -18.83
N LEU A 67 -5.08 -15.76 -17.56
CA LEU A 67 -4.06 -16.61 -16.94
C LEU A 67 -4.01 -17.97 -17.62
N LYS A 68 -5.18 -18.53 -17.95
CA LYS A 68 -5.22 -19.81 -18.62
CA LYS A 68 -5.24 -19.81 -18.63
C LYS A 68 -4.64 -19.71 -20.02
N GLU A 69 -4.89 -18.62 -20.74
N GLU A 69 -4.91 -18.60 -20.71
CA GLU A 69 -4.36 -18.50 -22.12
CA GLU A 69 -4.40 -18.36 -22.06
C GLU A 69 -2.84 -18.31 -22.10
C GLU A 69 -2.88 -18.29 -22.08
N VAL A 70 -2.31 -17.64 -21.07
CA VAL A 70 -0.84 -17.50 -20.95
C VAL A 70 -0.27 -18.91 -20.75
N GLY A 71 -0.96 -19.74 -20.00
CA GLY A 71 -0.53 -21.10 -19.77
C GLY A 71 -0.29 -21.48 -18.33
N LEU A 72 -0.61 -20.59 -17.38
CA LEU A 72 -0.47 -20.95 -15.98
C LEU A 72 -1.43 -22.07 -15.60
N THR A 73 -1.11 -22.77 -14.51
CA THR A 73 -1.92 -23.88 -14.02
C THR A 73 -2.58 -23.52 -12.70
N GLU A 74 -3.43 -24.42 -12.22
CA GLU A 74 -4.11 -24.23 -10.94
C GLU A 74 -4.75 -22.85 -10.87
N VAL A 75 -5.42 -22.44 -11.95
CA VAL A 75 -6.04 -21.14 -12.02
C VAL A 75 -7.40 -21.23 -11.32
N THR A 76 -7.52 -20.48 -10.24
CA THR A 76 -8.73 -20.47 -9.42
C THR A 76 -9.26 -19.09 -9.12
N MET A 77 -10.56 -19.03 -8.86
CA MET A 77 -11.20 -17.80 -8.40
C MET A 77 -12.19 -18.30 -7.36
N ASP A 78 -11.95 -17.94 -6.11
CA ASP A 78 -12.78 -18.45 -5.03
C ASP A 78 -14.12 -17.72 -4.95
N ASP A 79 -14.97 -18.17 -4.03
N ASP A 79 -14.99 -18.15 -4.04
CA ASP A 79 -16.30 -17.58 -3.88
CA ASP A 79 -16.31 -17.52 -3.92
C ASP A 79 -16.28 -16.11 -3.41
C ASP A 79 -16.24 -16.04 -3.52
N ASN A 80 -15.12 -15.63 -2.94
CA ASN A 80 -14.92 -14.23 -2.51
C ASN A 80 -14.21 -13.34 -3.55
N GLY A 81 -13.96 -13.90 -4.74
CA GLY A 81 -13.35 -13.14 -5.81
C GLY A 81 -11.84 -13.06 -5.82
N TYR A 82 -11.18 -13.88 -5.01
CA TYR A 82 -9.72 -13.91 -4.97
C TYR A 82 -9.23 -14.85 -6.07
N VAL A 83 -8.39 -14.34 -6.96
CA VAL A 83 -7.85 -15.10 -8.08
C VAL A 83 -6.45 -15.56 -7.75
N MET A 84 -6.16 -16.84 -7.98
CA MET A 84 -4.79 -17.34 -7.74
C MET A 84 -4.40 -18.26 -8.91
N ALA A 85 -3.11 -18.35 -9.16
CA ALA A 85 -2.61 -19.22 -10.23
C ALA A 85 -1.16 -19.56 -9.98
N THR A 86 -0.73 -20.60 -10.67
CA THR A 86 0.63 -21.11 -10.56
C THR A 86 1.43 -21.13 -11.86
N LEU A 87 2.70 -20.68 -11.78
CA LEU A 87 3.65 -20.86 -12.87
C LEU A 87 4.53 -21.99 -12.33
N PRO A 88 4.45 -23.19 -12.92
CA PRO A 88 5.23 -24.30 -12.41
C PRO A 88 6.73 -24.09 -12.43
N ALA A 89 7.41 -24.74 -11.50
CA ALA A 89 8.86 -24.66 -11.45
C ALA A 89 9.47 -25.10 -12.78
N ASN A 90 10.61 -24.49 -13.07
CA ASN A 90 11.38 -24.75 -14.26
C ASN A 90 12.81 -24.78 -13.76
N THR A 91 13.13 -25.83 -13.01
CA THR A 91 14.44 -26.03 -12.40
C THR A 91 14.52 -27.40 -11.75
N ASP A 92 15.73 -27.91 -11.57
CA ASP A 92 15.93 -29.18 -10.88
C ASP A 92 16.23 -28.92 -9.41
N LYS A 93 16.42 -27.66 -9.05
CA LYS A 93 16.73 -27.28 -7.68
C LYS A 93 15.50 -27.16 -6.80
N ASP A 94 15.75 -27.18 -5.49
CA ASP A 94 14.70 -26.96 -4.49
C ASP A 94 14.74 -25.45 -4.21
N VAL A 95 13.71 -24.74 -4.67
CA VAL A 95 13.63 -23.29 -4.55
C VAL A 95 12.36 -22.91 -3.78
N PRO A 96 12.45 -21.90 -2.89
CA PRO A 96 11.21 -21.53 -2.22
C PRO A 96 10.17 -21.01 -3.21
N VAL A 97 8.90 -21.26 -2.91
CA VAL A 97 7.80 -20.77 -3.72
C VAL A 97 7.66 -19.27 -3.42
N ILE A 98 7.69 -18.46 -4.47
CA ILE A 98 7.55 -17.02 -4.30
C ILE A 98 6.25 -16.55 -4.94
N GLY A 99 5.70 -15.48 -4.40
CA GLY A 99 4.47 -14.93 -4.91
C GLY A 99 4.56 -13.50 -5.38
N PHE A 100 3.62 -13.15 -6.26
CA PHE A 100 3.47 -11.76 -6.74
C PHE A 100 2.00 -11.41 -6.60
N LEU A 101 1.74 -10.24 -6.04
CA LEU A 101 0.37 -9.82 -5.72
C LEU A 101 0.02 -8.45 -6.27
N ALA A 102 -1.28 -8.26 -6.55
CA ALA A 102 -1.83 -6.99 -6.96
C ALA A 102 -3.30 -6.94 -6.63
N HIS A 103 -3.85 -5.75 -6.45
CA HIS A 103 -5.28 -5.64 -6.16
C HIS A 103 -6.12 -5.26 -7.39
N LEU A 104 -7.35 -5.74 -7.38
CA LEU A 104 -8.30 -5.58 -8.47
C LEU A 104 -9.03 -4.25 -8.50
N ASP A 105 -9.20 -3.63 -7.35
CA ASP A 105 -10.02 -2.44 -7.22
C ASP A 105 -9.31 -1.11 -7.30
N THR A 106 -10.09 -0.07 -7.64
CA THR A 106 -9.59 1.31 -7.70
C THR A 106 -10.21 2.12 -6.56
N ALA A 107 -9.57 3.25 -6.28
CA ALA A 107 -9.88 4.11 -5.14
C ALA A 107 -11.30 4.63 -5.06
N THR A 108 -11.76 4.80 -3.84
CA THR A 108 -13.10 5.31 -3.58
C THR A 108 -13.16 6.84 -3.76
N ASP A 109 -12.01 7.49 -3.80
CA ASP A 109 -11.93 8.97 -3.90
C ASP A 109 -12.50 9.58 -5.17
N PHE A 110 -12.42 8.88 -6.29
CA PHE A 110 -12.87 9.43 -7.56
C PHE A 110 -13.33 8.31 -8.46
N THR A 111 -14.22 8.63 -9.40
CA THR A 111 -14.77 7.61 -10.27
C THR A 111 -13.73 6.89 -11.13
N GLY A 112 -13.91 5.58 -11.21
CA GLY A 112 -13.10 4.71 -12.03
C GLY A 112 -13.95 4.08 -13.13
N LYS A 113 -15.09 4.71 -13.43
CA LYS A 113 -16.02 4.25 -14.44
C LYS A 113 -15.80 4.98 -15.77
N ASN A 114 -15.77 4.21 -16.86
N ASN A 114 -15.76 4.21 -16.85
CA ASN A 114 -15.56 4.74 -18.21
CA ASN A 114 -15.60 4.75 -18.20
C ASN A 114 -14.28 5.57 -18.35
C ASN A 114 -14.29 5.55 -18.36
N VAL A 115 -13.20 5.01 -17.81
CA VAL A 115 -11.88 5.65 -17.91
C VAL A 115 -11.49 5.69 -19.39
N LYS A 116 -10.96 6.82 -19.82
CA LYS A 116 -10.54 7.02 -21.23
C LYS A 116 -9.03 7.28 -21.22
N PRO A 117 -8.23 6.20 -21.21
CA PRO A 117 -6.78 6.41 -21.15
C PRO A 117 -6.24 7.09 -22.40
N GLN A 118 -5.27 7.98 -22.20
N GLN A 118 -5.26 7.97 -22.21
CA GLN A 118 -4.62 8.72 -23.27
CA GLN A 118 -4.65 8.73 -23.29
C GLN A 118 -3.15 8.35 -23.28
C GLN A 118 -3.15 8.41 -23.29
N ILE A 119 -2.65 7.92 -24.42
CA ILE A 119 -1.25 7.54 -24.56
C ILE A 119 -0.45 8.69 -25.15
N HIS A 120 0.55 9.16 -24.40
CA HIS A 120 1.41 10.27 -24.82
C HIS A 120 2.82 9.74 -25.01
N GLU A 121 3.19 9.47 -26.26
CA GLU A 121 4.51 8.95 -26.56
C GLU A 121 5.53 10.09 -26.68
N ASN A 122 6.78 9.78 -26.34
CA ASN A 122 7.88 10.73 -26.44
C ASN A 122 7.51 12.06 -25.77
N PHE A 123 7.04 11.94 -24.53
CA PHE A 123 6.57 13.06 -23.74
C PHE A 123 7.59 14.19 -23.62
N ASP A 124 7.15 15.43 -23.85
CA ASP A 124 8.07 16.56 -23.82
C ASP A 124 8.37 17.14 -22.43
N GLY A 125 7.70 16.62 -21.39
CA GLY A 125 7.95 17.09 -20.03
C GLY A 125 7.21 18.35 -19.63
N ASN A 126 6.37 18.85 -20.52
CA ASN A 126 5.58 20.07 -20.29
C ASN A 126 4.14 19.72 -19.93
N ALA A 127 3.34 20.74 -19.66
CA ALA A 127 1.95 20.52 -19.27
C ALA A 127 1.15 19.76 -20.33
N ILE A 128 0.21 18.92 -19.86
CA ILE A 128 -0.66 18.14 -20.74
C ILE A 128 -2.10 18.56 -20.55
N THR A 129 -2.78 18.96 -21.62
CA THR A 129 -4.18 19.32 -21.53
C THR A 129 -4.95 18.02 -21.62
N LEU A 130 -5.49 17.57 -20.48
CA LEU A 130 -6.23 16.33 -20.44
C LEU A 130 -7.61 16.47 -21.08
N ASN A 131 -8.23 17.65 -20.91
CA ASN A 131 -9.55 17.89 -21.45
C ASN A 131 -9.68 19.35 -21.87
N GLU A 132 -9.77 19.56 -23.17
CA GLU A 132 -9.87 20.91 -23.73
C GLU A 132 -11.21 21.57 -23.34
N GLU A 133 -12.28 20.79 -23.42
CA GLU A 133 -13.64 21.27 -23.13
C GLU A 133 -13.84 21.69 -21.67
N LEU A 134 -13.26 20.95 -20.74
CA LEU A 134 -13.40 21.27 -19.31
C LEU A 134 -12.20 22.04 -18.76
N ASN A 135 -11.24 22.35 -19.62
CA ASN A 135 -10.03 23.08 -19.25
C ASN A 135 -9.28 22.40 -18.08
N ILE A 136 -9.05 21.10 -18.22
CA ILE A 136 -8.34 20.31 -17.21
C ILE A 136 -6.93 20.09 -17.74
N VAL A 137 -5.94 20.62 -17.03
CA VAL A 137 -4.54 20.53 -17.45
C VAL A 137 -3.62 19.99 -16.35
N LEU A 138 -2.81 19.00 -16.73
N LEU A 138 -2.82 18.98 -16.70
CA LEU A 138 -1.83 18.36 -15.86
CA LEU A 138 -1.88 18.40 -15.75
C LEU A 138 -0.55 19.19 -16.00
C LEU A 138 -0.58 19.16 -15.95
N THR A 139 -0.23 19.99 -14.97
CA THR A 139 0.95 20.87 -15.04
C THR A 139 2.15 20.51 -14.15
N PRO A 140 3.36 20.91 -14.60
CA PRO A 140 4.57 20.68 -13.82
C PRO A 140 4.63 21.55 -12.57
N GLU A 141 3.88 22.66 -12.57
CA GLU A 141 3.81 23.54 -11.41
C GLU A 141 3.07 22.80 -10.29
N GLN A 142 1.95 22.15 -10.62
CA GLN A 142 1.19 21.40 -9.63
C GLN A 142 1.87 20.07 -9.29
N PHE A 143 2.54 19.48 -10.29
CA PHE A 143 3.20 18.18 -10.12
C PHE A 143 4.67 18.27 -10.58
N PRO A 144 5.56 18.72 -9.68
CA PRO A 144 6.97 18.93 -10.00
C PRO A 144 7.76 17.74 -10.53
N GLU A 145 7.24 16.54 -10.37
N GLU A 145 7.23 16.52 -10.35
CA GLU A 145 7.92 15.35 -10.86
CA GLU A 145 7.91 15.32 -10.86
C GLU A 145 7.65 15.13 -12.35
C GLU A 145 7.62 15.10 -12.34
N LEU A 146 6.62 15.80 -12.88
CA LEU A 146 6.24 15.63 -14.29
C LEU A 146 7.41 15.77 -15.28
N PRO A 147 8.24 16.83 -15.15
CA PRO A 147 9.34 16.99 -16.11
C PRO A 147 10.35 15.84 -16.17
N SER A 148 10.48 15.08 -15.09
CA SER A 148 11.42 13.95 -15.04
C SER A 148 11.02 12.81 -15.99
N TYR A 149 9.78 12.87 -16.49
CA TYR A 149 9.29 11.87 -17.42
C TYR A 149 9.48 12.22 -18.91
N LYS A 150 10.25 13.27 -19.18
CA LYS A 150 10.54 13.66 -20.55
C LYS A 150 11.13 12.46 -21.29
N GLY A 151 10.61 12.17 -22.48
CA GLY A 151 11.08 11.06 -23.31
C GLY A 151 10.33 9.75 -23.12
N HIS A 152 9.63 9.63 -21.99
CA HIS A 152 8.86 8.43 -21.69
C HIS A 152 7.53 8.45 -22.43
N THR A 153 6.92 7.26 -22.50
CA THR A 153 5.54 7.11 -22.96
C THR A 153 4.74 7.11 -21.67
N ILE A 154 3.88 8.09 -21.51
CA ILE A 154 3.04 8.14 -20.31
C ILE A 154 1.57 8.05 -20.70
N ILE A 155 0.79 7.46 -19.80
CA ILE A 155 -0.65 7.31 -20.00
C ILE A 155 -1.33 8.13 -18.91
N THR A 156 -2.30 8.95 -19.33
CA THR A 156 -3.06 9.79 -18.44
C THR A 156 -4.55 9.48 -18.61
N THR A 157 -5.38 10.19 -17.86
CA THR A 157 -6.83 10.10 -17.99
C THR A 157 -7.21 11.23 -18.95
N ASP A 158 -8.51 11.40 -19.15
CA ASP A 158 -9.04 12.52 -19.95
C ASP A 158 -9.59 13.59 -18.98
N GLY A 159 -9.18 13.51 -17.70
CA GLY A 159 -9.59 14.47 -16.66
C GLY A 159 -10.94 14.24 -16.00
N THR A 160 -11.68 13.24 -16.46
CA THR A 160 -13.02 13.00 -15.92
C THR A 160 -13.11 11.79 -14.98
N THR A 161 -12.00 11.05 -14.85
CA THR A 161 -11.91 9.88 -13.99
C THR A 161 -10.51 9.78 -13.49
N LEU A 162 -10.29 8.85 -12.55
CA LEU A 162 -8.91 8.53 -12.15
C LEU A 162 -8.46 7.51 -13.20
N LEU A 163 -7.23 7.04 -13.11
CA LEU A 163 -6.75 6.10 -14.13
C LEU A 163 -6.82 4.65 -13.71
N GLY A 164 -6.43 4.36 -12.47
CA GLY A 164 -6.40 2.99 -12.01
C GLY A 164 -5.03 2.36 -12.21
N ALA A 165 -3.98 3.16 -12.44
CA ALA A 165 -2.63 2.62 -12.49
C ALA A 165 -2.41 1.93 -11.14
N ASP A 166 -2.95 2.55 -10.09
CA ASP A 166 -3.03 1.93 -8.76
C ASP A 166 -4.34 1.12 -8.86
N ASP A 167 -4.30 -0.22 -9.03
CA ASP A 167 -3.09 -1.04 -9.08
C ASP A 167 -3.13 -1.90 -10.36
N LYS A 168 -3.79 -1.42 -11.40
CA LYS A 168 -3.83 -2.17 -12.66
C LYS A 168 -2.47 -2.14 -13.35
N ALA A 169 -1.60 -1.17 -13.03
CA ALA A 169 -0.25 -1.17 -13.61
C ALA A 169 0.54 -2.36 -13.03
N GLY A 170 0.52 -2.52 -11.70
CA GLY A 170 1.21 -3.65 -11.08
C GLY A 170 0.64 -4.98 -11.55
N LEU A 171 -0.68 -5.04 -11.67
CA LEU A 171 -1.35 -6.27 -12.11
C LEU A 171 -0.88 -6.61 -13.53
N THR A 172 -0.87 -5.61 -14.40
CA THR A 172 -0.41 -5.79 -15.77
C THR A 172 1.02 -6.31 -15.78
N GLU A 173 1.86 -5.72 -14.94
CA GLU A 173 3.26 -6.13 -14.89
C GLU A 173 3.40 -7.61 -14.53
N ILE A 174 2.59 -8.08 -13.59
CA ILE A 174 2.63 -9.49 -13.22
C ILE A 174 2.22 -10.35 -14.41
N MET A 175 1.13 -9.99 -15.09
CA MET A 175 0.68 -10.76 -16.25
C MET A 175 1.77 -10.82 -17.34
N VAL A 176 2.34 -9.66 -17.68
CA VAL A 176 3.39 -9.60 -18.71
C VAL A 176 4.63 -10.40 -18.28
N ALA A 177 5.03 -10.31 -17.01
CA ALA A 177 6.18 -11.06 -16.53
C ALA A 177 5.93 -12.58 -16.58
N MET A 178 4.74 -13.02 -16.18
CA MET A 178 4.44 -14.45 -16.21
C MET A 178 4.40 -14.97 -17.67
N ASN A 179 3.82 -14.18 -18.56
CA ASN A 179 3.76 -14.54 -19.96
C ASN A 179 5.20 -14.62 -20.51
N TYR A 180 6.06 -13.71 -20.09
CA TYR A 180 7.45 -13.73 -20.55
C TYR A 180 8.14 -14.99 -20.05
N LEU A 181 8.00 -15.30 -18.78
CA LEU A 181 8.67 -16.49 -18.23
C LEU A 181 8.23 -17.78 -18.89
N ILE A 182 6.92 -17.98 -19.05
CA ILE A 182 6.45 -19.21 -19.67
C ILE A 182 6.94 -19.34 -21.14
N HIS A 183 7.15 -18.22 -21.80
N HIS A 183 7.13 -18.20 -21.80
CA HIS A 183 7.61 -18.24 -23.18
CA HIS A 183 7.61 -18.16 -23.19
C HIS A 183 9.13 -18.13 -23.32
C HIS A 183 9.14 -18.16 -23.32
N ASN A 184 9.84 -18.15 -22.19
CA ASN A 184 11.30 -18.13 -22.17
C ASN A 184 11.80 -19.18 -21.19
N PRO A 185 11.57 -20.46 -21.53
CA PRO A 185 11.95 -21.58 -20.66
C PRO A 185 13.45 -21.69 -20.38
N GLN A 186 14.27 -20.96 -21.14
CA GLN A 186 15.71 -20.93 -20.87
C GLN A 186 16.02 -20.17 -19.56
N ILE A 187 15.07 -19.38 -19.09
CA ILE A 187 15.21 -18.65 -17.82
C ILE A 187 14.67 -19.58 -16.75
N LYS A 188 15.55 -20.08 -15.90
CA LYS A 188 15.15 -21.01 -14.85
C LYS A 188 14.58 -20.29 -13.64
N HIS A 189 13.60 -20.93 -13.01
CA HIS A 189 12.93 -20.37 -11.83
C HIS A 189 12.22 -21.48 -11.07
N GLY A 190 11.94 -21.21 -9.80
CA GLY A 190 11.17 -22.16 -8.98
C GLY A 190 9.70 -21.89 -9.23
N LYS A 191 8.85 -22.52 -8.44
CA LYS A 191 7.41 -22.32 -8.57
CA LYS A 191 7.41 -22.34 -8.54
C LYS A 191 7.05 -20.91 -8.16
N ILE A 192 6.14 -20.29 -8.91
CA ILE A 192 5.67 -18.93 -8.63
C ILE A 192 4.16 -18.97 -8.49
N ARG A 193 3.64 -18.26 -7.50
CA ARG A 193 2.19 -18.14 -7.30
C ARG A 193 1.82 -16.68 -7.50
N VAL A 194 0.67 -16.42 -8.12
CA VAL A 194 0.21 -15.06 -8.28
C VAL A 194 -1.20 -14.96 -7.68
N ALA A 195 -1.53 -13.79 -7.13
CA ALA A 195 -2.85 -13.53 -6.58
C ALA A 195 -3.30 -12.13 -6.89
N PHE A 196 -4.57 -12.02 -7.31
CA PHE A 196 -5.20 -10.74 -7.62
C PHE A 196 -6.38 -10.69 -6.67
N THR A 197 -6.38 -9.65 -5.84
CA THR A 197 -7.28 -9.55 -4.70
C THR A 197 -8.24 -8.39 -4.69
N PRO A 198 -9.47 -8.62 -4.21
CA PRO A 198 -10.43 -7.53 -4.16
C PRO A 198 -10.36 -6.65 -2.92
N ASP A 199 -10.96 -5.47 -3.04
CA ASP A 199 -11.22 -4.57 -1.91
C ASP A 199 -10.05 -4.07 -1.07
N GLU A 200 -8.91 -3.89 -1.70
CA GLU A 200 -7.77 -3.35 -0.99
C GLU A 200 -8.01 -1.89 -0.58
N GLU A 201 -8.66 -1.13 -1.45
CA GLU A 201 -8.88 0.31 -1.24
C GLU A 201 -9.84 0.67 -0.11
N ILE A 202 -10.58 -0.31 0.40
CA ILE A 202 -11.50 -0.11 1.53
C ILE A 202 -11.01 -0.85 2.79
N GLY A 203 -9.76 -1.33 2.77
CA GLY A 203 -9.16 -2.00 3.93
C GLY A 203 -9.55 -3.44 4.22
N ARG A 204 -10.18 -4.11 3.27
CA ARG A 204 -10.63 -5.48 3.49
C ARG A 204 -9.88 -6.58 2.74
N GLY A 205 -8.81 -6.20 2.03
CA GLY A 205 -8.04 -7.17 1.24
C GLY A 205 -7.56 -8.39 2.00
N PRO A 206 -6.81 -8.16 3.07
CA PRO A 206 -6.29 -9.31 3.80
C PRO A 206 -7.31 -10.15 4.56
N ALA A 207 -8.49 -9.57 4.83
CA ALA A 207 -9.54 -10.24 5.58
C ALA A 207 -9.98 -11.58 5.02
N HIS A 208 -9.90 -11.75 3.70
CA HIS A 208 -10.27 -13.01 3.08
C HIS A 208 -9.15 -13.59 2.19
N PHE A 209 -7.90 -13.19 2.46
CA PHE A 209 -6.77 -13.73 1.73
C PHE A 209 -6.35 -15.00 2.46
N ASP A 210 -6.41 -16.12 1.76
CA ASP A 210 -6.07 -17.44 2.34
C ASP A 210 -4.61 -17.74 2.07
N VAL A 211 -3.78 -17.42 3.07
CA VAL A 211 -2.35 -17.63 2.96
C VAL A 211 -1.96 -19.09 2.77
N GLU A 212 -2.67 -20.00 3.44
CA GLU A 212 -2.37 -21.41 3.30
C GLU A 212 -2.63 -21.83 1.85
N ALA A 213 -3.75 -21.40 1.29
CA ALA A 213 -4.09 -21.74 -0.11
C ALA A 213 -3.11 -21.12 -1.11
N PHE A 214 -2.61 -19.94 -0.78
CA PHE A 214 -1.66 -19.26 -1.67
C PHE A 214 -0.40 -20.10 -1.77
N GLY A 215 0.05 -20.66 -0.65
CA GLY A 215 1.17 -21.57 -0.66
C GLY A 215 2.56 -21.08 -1.04
N ALA A 216 2.86 -19.84 -0.69
CA ALA A 216 4.17 -19.25 -0.98
C ALA A 216 4.89 -18.98 0.32
N SER A 217 6.23 -19.00 0.30
CA SER A 217 7.03 -18.66 1.47
C SER A 217 7.02 -17.16 1.75
N PHE A 218 7.03 -16.39 0.67
CA PHE A 218 7.02 -14.93 0.73
C PHE A 218 6.55 -14.40 -0.60
N ALA A 219 6.27 -13.10 -0.66
CA ALA A 219 5.73 -12.52 -1.87
C ALA A 219 6.13 -11.09 -2.02
N TYR A 220 5.89 -10.57 -3.22
CA TYR A 220 6.12 -9.19 -3.54
C TYR A 220 4.82 -8.57 -4.03
N MET A 221 4.40 -7.50 -3.35
CA MET A 221 3.23 -6.77 -3.75
C MET A 221 3.70 -5.76 -4.82
N MET A 222 3.02 -5.72 -5.94
CA MET A 222 3.32 -4.78 -7.01
C MET A 222 2.34 -3.63 -6.90
N ASP A 223 2.52 -2.82 -5.87
CA ASP A 223 1.62 -1.70 -5.61
C ASP A 223 2.35 -0.49 -5.02
N GLY A 224 3.56 -0.26 -5.52
N GLY A 224 3.60 -0.28 -5.47
CA GLY A 224 4.33 0.88 -5.13
CA GLY A 224 4.48 0.75 -4.88
C GLY A 224 3.96 1.99 -6.08
C GLY A 224 4.88 2.10 -5.47
N GLY A 225 4.88 2.91 -6.25
N GLY A 225 4.23 2.59 -6.52
CA GLY A 225 4.59 4.00 -7.13
CA GLY A 225 4.57 3.94 -7.04
C GLY A 225 5.71 4.19 -8.09
C GLY A 225 5.73 4.13 -8.00
N PRO A 226 6.39 5.32 -7.99
CA PRO A 226 7.48 5.62 -8.90
C PRO A 226 8.70 4.71 -8.87
N LEU A 227 9.43 4.74 -9.99
CA LEU A 227 10.64 3.95 -10.23
C LEU A 227 11.54 3.79 -9.03
N GLY A 228 11.87 2.53 -8.74
CA GLY A 228 12.79 2.19 -7.68
C GLY A 228 12.20 1.99 -6.30
N GLY A 229 10.94 2.36 -6.12
CA GLY A 229 10.26 2.20 -4.84
C GLY A 229 10.37 0.77 -4.31
N LEU A 230 10.78 0.67 -3.04
CA LEU A 230 10.93 -0.60 -2.35
C LEU A 230 10.53 -0.32 -0.91
N GLU A 231 9.50 -1.03 -0.41
CA GLU A 231 9.00 -0.79 0.94
C GLU A 231 8.94 -2.10 1.69
N TYR A 232 9.47 -2.12 2.90
CA TYR A 232 9.47 -3.35 3.72
C TYR A 232 9.48 -3.09 5.24
N GLU A 233 9.22 -1.85 5.65
CA GLU A 233 9.24 -1.45 7.08
C GLU A 233 8.03 -0.58 7.29
N SER A 234 7.33 -0.77 8.40
CA SER A 234 6.08 -0.04 8.62
C SER A 234 5.91 0.28 10.12
N PHE A 235 4.96 1.14 10.44
CA PHE A 235 4.77 1.48 11.82
C PHE A 235 4.19 0.38 12.71
N ASN A 236 4.59 0.42 13.98
CA ASN A 236 3.86 -0.26 15.06
C ASN A 236 2.82 0.80 15.44
N ALA A 237 1.61 0.36 15.78
CA ALA A 237 0.49 1.28 16.00
C ALA A 237 -0.42 0.86 17.13
N ALA A 238 -0.89 1.86 17.88
CA ALA A 238 -1.90 1.67 18.93
C ALA A 238 -2.83 2.87 18.87
N GLY A 239 -4.05 2.66 19.36
CA GLY A 239 -5.03 3.72 19.46
C GLY A 239 -5.43 3.86 20.92
N ALA A 240 -5.71 5.09 21.34
CA ALA A 240 -6.14 5.35 22.68
C ALA A 240 -7.30 6.33 22.72
N LYS A 241 -8.18 6.12 23.69
CA LYS A 241 -9.28 7.00 23.94
C LYS A 241 -9.22 7.34 25.41
N LEU A 242 -9.11 8.61 25.72
CA LEU A 242 -9.06 9.08 27.10
C LEU A 242 -10.34 9.80 27.45
N THR A 243 -10.97 9.40 28.55
CA THR A 243 -12.15 10.10 29.06
C THR A 243 -11.79 10.76 30.36
N PHE A 244 -12.05 12.07 30.45
CA PHE A 244 -11.77 12.86 31.64
C PHE A 244 -13.08 13.26 32.26
N ASN A 245 -13.21 13.07 33.56
CA ASN A 245 -14.44 13.36 34.29
C ASN A 245 -14.22 14.45 35.29
N GLY A 246 -15.13 15.42 35.27
CA GLY A 246 -15.07 16.56 36.17
C GLY A 246 -16.37 16.80 36.88
N THR A 247 -16.53 18.02 37.37
CA THR A 247 -17.71 18.44 38.12
C THR A 247 -18.06 19.86 37.72
N ASN A 248 -19.26 20.04 37.18
CA ASN A 248 -19.73 21.34 36.79
C ASN A 248 -20.52 21.97 37.95
N THR A 249 -20.48 23.29 38.03
CA THR A 249 -21.19 24.07 39.05
C THR A 249 -21.48 25.41 38.45
N HIS A 250 -22.27 26.23 39.15
N HIS A 250 -22.25 26.24 39.16
CA HIS A 250 -22.47 27.57 38.66
CA HIS A 250 -22.47 27.60 38.68
C HIS A 250 -21.06 28.19 38.69
C HIS A 250 -21.08 28.25 38.73
N PRO A 251 -20.68 28.95 37.65
CA PRO A 251 -19.32 29.51 37.67
C PRO A 251 -18.99 30.38 38.89
N GLY A 252 -19.97 31.13 39.35
CA GLY A 252 -19.78 32.03 40.46
C GLY A 252 -19.47 31.38 41.79
N THR A 253 -19.94 30.14 41.98
CA THR A 253 -19.74 29.42 43.24
C THR A 253 -18.88 28.16 43.06
N ALA A 254 -17.98 28.23 42.09
CA ALA A 254 -17.13 27.11 41.75
C ALA A 254 -15.88 26.82 42.57
N LYS A 255 -15.42 27.78 43.37
CA LYS A 255 -14.17 27.59 44.09
CA LYS A 255 -14.21 27.65 44.18
C LYS A 255 -14.12 26.30 44.89
N ASN A 256 -13.06 25.56 44.61
CA ASN A 256 -12.78 24.25 45.23
C ASN A 256 -13.88 23.21 45.08
N LYS A 257 -14.75 23.40 44.10
CA LYS A 257 -15.85 22.46 43.84
C LYS A 257 -15.80 22.01 42.39
N MET A 258 -15.76 22.98 41.47
CA MET A 258 -15.69 22.66 40.06
C MET A 258 -14.36 22.02 39.68
N ARG A 259 -14.41 21.06 38.76
CA ARG A 259 -13.22 20.43 38.18
C ARG A 259 -13.53 20.38 36.70
N ASN A 260 -12.71 21.06 35.90
CA ASN A 260 -12.97 21.20 34.47
C ASN A 260 -12.37 20.07 33.65
N ALA A 261 -13.22 19.17 33.18
CA ALA A 261 -12.74 18.01 32.43
C ALA A 261 -11.94 18.38 31.19
N THR A 262 -12.34 19.44 30.51
CA THR A 262 -11.62 19.90 29.31
C THR A 262 -10.19 20.30 29.68
N LYS A 263 -10.04 20.98 30.81
CA LYS A 263 -8.69 21.30 31.27
C LYS A 263 -7.88 20.08 31.61
N LEU A 264 -8.51 19.04 32.18
CA LEU A 264 -7.80 17.81 32.45
C LEU A 264 -7.28 17.25 31.13
N ALA A 265 -8.08 17.30 30.07
CA ALA A 265 -7.60 16.82 28.76
C ALA A 265 -6.38 17.61 28.29
N MET A 266 -6.40 18.93 28.51
CA MET A 266 -5.28 19.77 28.10
C MET A 266 -4.06 19.47 28.97
N GLU A 267 -4.30 19.19 30.24
CA GLU A 267 -3.22 18.84 31.18
C GLU A 267 -2.57 17.53 30.71
N PHE A 268 -3.38 16.55 30.32
CA PHE A 268 -2.88 15.29 29.80
C PHE A 268 -2.02 15.55 28.56
N ASN A 269 -2.56 16.29 27.59
CA ASN A 269 -1.80 16.54 26.37
C ASN A 269 -0.49 17.27 26.65
N GLY A 270 -0.53 18.18 27.62
CA GLY A 270 0.66 18.96 28.02
C GLY A 270 1.82 18.13 28.51
N HIS A 271 1.53 16.94 29.02
CA HIS A 271 2.59 16.02 29.46
C HIS A 271 3.31 15.33 28.31
N LEU A 272 2.73 15.34 27.10
CA LEU A 272 3.37 14.69 25.95
C LEU A 272 4.39 15.65 25.32
N PRO A 273 5.48 15.10 24.73
CA PRO A 273 6.48 15.95 24.08
C PRO A 273 5.83 16.66 22.90
N VAL A 274 5.88 17.99 22.87
N VAL A 274 5.90 17.99 22.89
CA VAL A 274 5.19 18.75 21.82
CA VAL A 274 5.26 18.80 21.84
C VAL A 274 5.64 18.42 20.39
C VAL A 274 5.65 18.44 20.42
N GLU A 275 6.94 18.20 20.22
CA GLU A 275 7.49 17.93 18.91
CA GLU A 275 7.45 17.92 18.90
C GLU A 275 7.28 16.50 18.39
N GLU A 276 6.81 15.60 19.26
CA GLU A 276 6.59 14.21 18.85
C GLU A 276 5.17 14.09 18.35
N ALA A 277 4.95 14.68 17.17
CA ALA A 277 3.65 14.76 16.52
C ALA A 277 3.79 14.61 15.05
N PRO A 278 2.74 14.15 14.35
CA PRO A 278 2.87 13.95 12.91
C PRO A 278 3.33 15.15 12.11
N GLU A 279 2.87 16.34 12.48
CA GLU A 279 3.18 17.54 11.74
C GLU A 279 4.65 18.01 11.82
N TYR A 280 5.44 17.38 12.68
CA TYR A 280 6.86 17.72 12.84
C TYR A 280 7.78 16.55 12.52
N THR A 281 7.22 15.43 12.10
CA THR A 281 8.01 14.20 11.90
C THR A 281 7.92 13.56 10.53
N GLU A 282 8.99 12.85 10.15
CA GLU A 282 9.08 12.15 8.90
C GLU A 282 10.08 11.01 9.08
N GLY A 283 10.30 10.26 8.01
CA GLY A 283 11.25 9.15 8.00
C GLY A 283 10.86 8.07 8.99
N TYR A 284 11.73 7.82 9.94
CA TYR A 284 11.45 6.80 10.95
C TYR A 284 10.95 7.37 12.29
N GLU A 285 10.78 8.68 12.37
N GLU A 285 10.85 8.69 12.41
CA GLU A 285 10.33 9.32 13.61
CA GLU A 285 10.44 9.29 13.70
C GLU A 285 8.91 8.92 13.96
C GLU A 285 8.96 9.06 14.01
N GLY A 286 8.69 8.58 15.23
CA GLY A 286 7.35 8.24 15.70
C GLY A 286 6.63 9.44 16.25
N PHE A 287 5.43 9.22 16.76
CA PHE A 287 4.64 10.32 17.30
C PHE A 287 3.44 9.88 18.08
N TYR A 288 2.88 10.87 18.78
CA TYR A 288 1.55 10.80 19.36
C TYR A 288 0.73 11.77 18.50
N HIS A 289 -0.49 11.39 18.12
CA HIS A 289 -1.35 12.26 17.32
C HIS A 289 -2.72 12.41 17.94
N LEU A 290 -3.06 13.64 18.29
CA LEU A 290 -4.35 13.99 18.87
C LEU A 290 -5.36 14.18 17.74
N LEU A 291 -6.23 13.20 17.59
CA LEU A 291 -7.25 13.19 16.53
C LEU A 291 -8.45 14.10 16.78
N SER A 292 -8.88 14.17 18.03
CA SER A 292 -10.07 14.92 18.37
C SER A 292 -10.19 15.12 19.87
N LEU A 293 -10.93 16.14 20.26
CA LEU A 293 -11.21 16.45 21.66
C LEU A 293 -12.58 17.08 21.69
N ASN A 294 -13.49 16.47 22.45
CA ASN A 294 -14.87 16.90 22.56
C ASN A 294 -15.36 16.79 23.98
N GLY A 295 -15.98 17.85 24.46
CA GLY A 295 -16.48 17.84 25.80
C GLY A 295 -16.68 19.21 26.39
N ASP A 296 -16.89 19.18 27.69
CA ASP A 296 -17.22 20.35 28.46
C ASP A 296 -16.64 20.24 29.86
N VAL A 297 -17.24 20.93 30.83
CA VAL A 297 -16.71 20.90 32.18
C VAL A 297 -16.90 19.55 32.86
N GLU A 298 -18.04 18.91 32.60
CA GLU A 298 -18.37 17.64 33.22
C GLU A 298 -17.60 16.45 32.67
N GLN A 299 -17.40 16.41 31.35
CA GLN A 299 -16.70 15.28 30.75
C GLN A 299 -16.08 15.68 29.42
N SER A 300 -14.90 15.14 29.13
CA SER A 300 -14.17 15.42 27.89
C SER A 300 -13.57 14.11 27.41
N LYS A 301 -13.55 13.92 26.08
CA LYS A 301 -13.01 12.70 25.48
C LYS A 301 -12.01 13.05 24.38
N ALA A 302 -10.81 12.50 24.51
CA ALA A 302 -9.74 12.70 23.54
C ALA A 302 -9.40 11.38 22.87
N TYR A 303 -9.13 11.43 21.58
CA TYR A 303 -8.70 10.25 20.84
C TYR A 303 -7.29 10.51 20.33
N TYR A 304 -6.42 9.52 20.51
CA TYR A 304 -5.05 9.59 20.03
C TYR A 304 -4.66 8.33 19.28
N ILE A 305 -3.69 8.47 18.38
CA ILE A 305 -2.99 7.32 17.82
C ILE A 305 -1.52 7.47 18.24
N ILE A 306 -0.87 6.33 18.37
CA ILE A 306 0.53 6.20 18.79
C ILE A 306 1.21 5.42 17.69
N ARG A 307 2.32 5.93 17.18
CA ARG A 307 3.04 5.27 16.07
C ARG A 307 4.52 5.31 16.27
N ASP A 308 5.19 4.18 16.00
CA ASP A 308 6.65 4.17 16.06
C ASP A 308 7.16 2.94 15.30
N PHE A 309 8.24 3.10 14.54
CA PHE A 309 8.85 1.97 13.87
C PHE A 309 9.62 1.07 14.84
N ASP A 310 10.16 1.65 15.92
CA ASP A 310 10.98 0.89 16.87
C ASP A 310 10.06 0.27 17.89
N ARG A 311 10.12 -1.04 18.06
CA ARG A 311 9.19 -1.70 18.98
C ARG A 311 9.41 -1.28 20.45
N LYS A 312 10.66 -1.18 20.86
CA LYS A 312 10.92 -0.76 22.23
C LYS A 312 10.36 0.63 22.50
N ASN A 313 10.60 1.57 21.58
N ASN A 313 10.58 1.55 21.58
CA ASN A 313 10.12 2.96 21.75
CA ASN A 313 10.10 2.91 21.75
C ASN A 313 8.58 2.99 21.67
C ASN A 313 8.59 3.03 21.59
N PHE A 314 8.00 2.11 20.84
CA PHE A 314 6.55 2.05 20.71
C PHE A 314 5.98 1.68 22.07
N GLU A 315 6.55 0.66 22.70
CA GLU A 315 6.07 0.23 24.02
C GLU A 315 6.31 1.33 25.04
N ALA A 316 7.42 2.06 24.88
CA ALA A 316 7.72 3.17 25.80
C ALA A 316 6.67 4.30 25.66
N ARG A 317 6.17 4.55 24.44
CA ARG A 317 5.14 5.56 24.22
C ARG A 317 3.85 5.13 24.94
N LYS A 318 3.47 3.86 24.82
CA LYS A 318 2.29 3.36 25.53
C LYS A 318 2.48 3.50 27.05
N ASN A 319 3.67 3.16 27.55
N ASN A 319 3.69 3.17 27.52
CA ASN A 319 3.94 3.28 28.98
CA ASN A 319 4.03 3.25 28.94
C ASN A 319 3.91 4.73 29.43
C ASN A 319 3.93 4.71 29.42
N THR A 320 4.36 5.64 28.58
CA THR A 320 4.30 7.08 28.90
C THR A 320 2.83 7.49 29.12
N ILE A 321 1.95 7.06 28.23
CA ILE A 321 0.51 7.35 28.39
C ILE A 321 -0.02 6.76 29.72
N GLU A 322 0.32 5.50 29.99
N GLU A 322 0.29 5.50 30.00
CA GLU A 322 -0.09 4.83 31.23
CA GLU A 322 -0.17 4.88 31.25
C GLU A 322 0.38 5.60 32.45
C GLU A 322 0.38 5.57 32.48
N ASN A 323 1.63 6.04 32.41
CA ASN A 323 2.23 6.76 33.53
C ASN A 323 1.57 8.12 33.75
N ILE A 324 1.23 8.82 32.67
CA ILE A 324 0.53 10.09 32.79
C ILE A 324 -0.85 9.86 33.41
N VAL A 325 -1.54 8.83 32.94
CA VAL A 325 -2.87 8.49 33.48
C VAL A 325 -2.76 8.20 34.99
N LYS A 326 -1.78 7.39 35.38
CA LYS A 326 -1.57 7.02 36.80
C LYS A 326 -1.33 8.27 37.64
N GLN A 327 -0.47 9.16 37.12
CA GLN A 327 -0.13 10.40 37.81
C GLN A 327 -1.37 11.29 38.00
N MET A 328 -2.23 11.37 36.99
CA MET A 328 -3.45 12.17 37.08
C MET A 328 -4.51 11.50 37.98
N GLN A 329 -4.53 10.17 38.01
CA GLN A 329 -5.46 9.45 38.88
C GLN A 329 -5.07 9.64 40.36
N GLU A 330 -3.77 9.73 40.63
N GLU A 330 -3.77 9.73 40.66
CA GLU A 330 -3.29 9.95 41.99
CA GLU A 330 -3.38 9.95 42.05
C GLU A 330 -3.61 11.38 42.44
C GLU A 330 -3.71 11.38 42.45
N LYS A 331 -3.65 12.31 41.49
CA LYS A 331 -3.95 13.71 41.76
C LYS A 331 -5.45 13.98 41.89
N TYR A 332 -6.24 13.35 41.02
CA TYR A 332 -7.68 13.59 40.95
C TYR A 332 -8.62 12.45 41.31
N GLY A 333 -8.11 11.26 41.55
CA GLY A 333 -8.94 10.11 41.83
C GLY A 333 -8.99 9.20 40.62
N GLN A 334 -9.16 7.90 40.87
N GLN A 334 -9.15 7.90 40.88
CA GLN A 334 -9.20 6.89 39.81
CA GLN A 334 -9.21 6.91 39.81
C GLN A 334 -10.27 7.14 38.74
C GLN A 334 -10.26 7.18 38.74
N ASP A 335 -11.45 7.60 39.16
CA ASP A 335 -12.55 7.83 38.23
C ASP A 335 -12.38 9.06 37.33
N ALA A 336 -11.42 9.94 37.65
CA ALA A 336 -11.21 11.17 36.88
C ALA A 336 -10.62 10.94 35.49
N VAL A 337 -9.89 9.85 35.29
CA VAL A 337 -9.29 9.57 34.00
C VAL A 337 -9.51 8.09 33.67
N VAL A 338 -10.03 7.84 32.47
CA VAL A 338 -10.33 6.49 32.00
C VAL A 338 -9.58 6.31 30.69
N LEU A 339 -8.83 5.22 30.60
CA LEU A 339 -8.04 4.92 29.41
C LEU A 339 -8.42 3.66 28.68
N GLU A 340 -8.76 3.80 27.40
CA GLU A 340 -8.98 2.69 26.50
C GLU A 340 -7.73 2.72 25.60
N MET A 341 -7.02 1.61 25.50
CA MET A 341 -5.83 1.59 24.63
C MET A 341 -5.61 0.19 24.11
N ASN A 342 -5.48 0.08 22.81
CA ASN A 342 -5.29 -1.19 22.14
C ASN A 342 -4.33 -1.09 20.98
N ASP A 343 -3.47 -2.10 20.87
CA ASP A 343 -2.57 -2.18 19.72
C ASP A 343 -3.43 -2.39 18.48
N GLN A 344 -2.96 -1.88 17.36
CA GLN A 344 -3.64 -1.97 16.08
C GLN A 344 -2.91 -2.86 15.06
N TYR A 345 -1.63 -2.59 14.85
CA TYR A 345 -0.84 -3.33 13.88
C TYR A 345 0.61 -3.14 14.18
N TYR A 346 1.45 -3.92 13.50
CA TYR A 346 2.87 -3.94 13.80
C TYR A 346 3.78 -3.74 12.60
N ASN A 347 5.05 -3.44 12.89
CA ASN A 347 6.07 -3.21 11.87
C ASN A 347 6.41 -4.49 11.16
N MET A 348 6.14 -4.54 9.86
CA MET A 348 6.43 -5.73 9.07
C MET A 348 7.90 -6.11 9.05
N LEU A 349 8.80 -5.19 9.37
CA LEU A 349 10.23 -5.53 9.39
C LEU A 349 10.49 -6.71 10.32
N GLU A 350 9.72 -6.84 11.40
CA GLU A 350 9.93 -7.98 12.32
C GLU A 350 9.77 -9.34 11.62
N LYS A 351 8.90 -9.38 10.62
CA LYS A 351 8.62 -10.62 9.88
CA LYS A 351 8.62 -10.62 9.87
C LYS A 351 9.55 -10.78 8.66
N ILE A 352 10.11 -9.67 8.19
CA ILE A 352 11.05 -9.66 7.07
C ILE A 352 12.43 -10.08 7.55
N GLU A 353 12.82 -9.65 8.76
CA GLU A 353 14.15 -9.96 9.29
C GLU A 353 14.60 -11.44 9.21
N PRO A 354 13.74 -12.40 9.61
CA PRO A 354 14.15 -13.81 9.51
C PRO A 354 14.37 -14.31 8.08
N VAL A 355 13.80 -13.60 7.10
CA VAL A 355 13.92 -13.94 5.68
C VAL A 355 14.42 -12.72 4.90
N ARG A 356 15.34 -11.97 5.53
CA ARG A 356 15.83 -10.70 4.94
C ARG A 356 16.39 -10.80 3.53
N GLU A 357 16.81 -12.00 3.12
CA GLU A 357 17.32 -12.16 1.78
C GLU A 357 16.27 -11.78 0.72
N ILE A 358 14.98 -11.82 1.06
CA ILE A 358 13.95 -11.47 0.10
C ILE A 358 14.02 -9.97 -0.25
N VAL A 359 14.47 -9.14 0.69
CA VAL A 359 14.66 -7.72 0.38
C VAL A 359 15.98 -7.59 -0.41
N ASP A 360 17.04 -8.31 -0.01
CA ASP A 360 18.30 -8.24 -0.73
C ASP A 360 18.13 -8.62 -2.21
N ILE A 361 17.37 -9.69 -2.49
CA ILE A 361 17.15 -10.12 -3.88
C ILE A 361 16.44 -9.05 -4.71
N ALA A 362 15.44 -8.40 -4.13
CA ALA A 362 14.74 -7.32 -4.83
C ALA A 362 15.69 -6.16 -5.08
N TYR A 363 16.52 -5.82 -4.08
CA TYR A 363 17.46 -4.71 -4.20
C TYR A 363 18.47 -5.00 -5.30
N GLU A 364 19.05 -6.21 -5.25
CA GLU A 364 20.03 -6.67 -6.23
C GLU A 364 19.44 -6.71 -7.63
N ALA A 365 18.18 -7.14 -7.72
CA ALA A 365 17.50 -7.18 -9.01
C ALA A 365 17.44 -5.78 -9.59
N MET A 366 17.02 -4.81 -8.81
CA MET A 366 16.95 -3.43 -9.29
C MET A 366 18.31 -2.91 -9.73
N LYS A 367 19.32 -3.09 -8.89
N LYS A 367 19.33 -3.08 -8.89
CA LYS A 367 20.66 -2.61 -9.24
CA LYS A 367 20.67 -2.60 -9.22
C LYS A 367 21.16 -3.21 -10.54
C LYS A 367 21.19 -3.22 -10.53
N SER A 368 20.88 -4.50 -10.77
CA SER A 368 21.33 -5.20 -11.99
C SER A 368 20.69 -4.62 -13.25
N LEU A 369 19.55 -3.96 -13.08
CA LEU A 369 18.81 -3.33 -14.17
C LEU A 369 19.05 -1.81 -14.19
N ASN A 370 20.09 -1.35 -13.49
CA ASN A 370 20.43 0.07 -13.41
C ASN A 370 19.31 0.94 -12.88
N ILE A 371 18.58 0.40 -11.89
CA ILE A 371 17.55 1.12 -11.23
C ILE A 371 18.07 1.45 -9.84
N GLU A 372 17.99 2.71 -9.44
N GLU A 372 17.95 2.70 -9.43
CA GLU A 372 18.44 3.12 -8.11
CA GLU A 372 18.39 3.15 -8.11
C GLU A 372 17.28 2.90 -7.12
C GLU A 372 17.26 2.90 -7.11
N PRO A 373 17.43 1.94 -6.19
CA PRO A 373 16.33 1.71 -5.26
C PRO A 373 16.09 2.89 -4.33
N ASN A 374 14.80 3.11 -4.00
CA ASN A 374 14.37 4.18 -3.12
C ASN A 374 13.56 3.52 -2.02
N ILE A 375 14.20 3.40 -0.86
N ILE A 375 14.17 3.35 -0.85
CA ILE A 375 13.55 2.81 0.29
CA ILE A 375 13.51 2.68 0.27
C ILE A 375 12.57 3.83 0.85
C ILE A 375 12.63 3.67 1.05
N HIS A 376 11.32 3.41 1.02
CA HIS A 376 10.30 4.28 1.60
C HIS A 376 9.70 3.65 2.84
N PRO A 377 10.01 4.21 4.04
CA PRO A 377 9.34 3.67 5.21
C PRO A 377 7.83 3.84 5.04
N ILE A 378 7.05 2.86 5.46
CA ILE A 378 5.60 2.92 5.38
C ILE A 378 5.13 3.55 6.69
N ARG A 379 4.80 4.84 6.66
CA ARG A 379 4.33 5.55 7.87
C ARG A 379 2.83 5.31 8.07
N GLY A 380 2.50 4.05 8.28
CA GLY A 380 1.13 3.58 8.46
C GLY A 380 1.11 2.07 8.27
N GLY A 381 0.01 1.55 7.72
CA GLY A 381 -0.12 0.12 7.46
C GLY A 381 -0.64 -0.09 6.05
N THR A 382 -0.26 -1.21 5.44
CA THR A 382 -0.68 -1.55 4.07
C THR A 382 -1.08 -3.02 4.02
N ASP A 383 -1.63 -3.47 2.89
CA ASP A 383 -1.94 -4.88 2.75
C ASP A 383 -0.68 -5.73 2.90
N GLY A 384 0.44 -5.26 2.33
CA GLY A 384 1.70 -6.00 2.44
C GLY A 384 2.17 -6.15 3.87
N SER A 385 2.04 -5.08 4.65
CA SER A 385 2.45 -5.13 6.04
C SER A 385 1.52 -6.03 6.87
N GLN A 386 0.21 -6.05 6.57
CA GLN A 386 -0.70 -6.96 7.26
C GLN A 386 -0.48 -8.43 6.85
N LEU A 387 -0.28 -8.68 5.57
CA LEU A 387 0.01 -10.03 5.08
C LEU A 387 1.28 -10.57 5.73
N SER A 388 2.25 -9.68 5.95
CA SER A 388 3.49 -10.09 6.60
C SER A 388 3.21 -10.64 7.98
N TYR A 389 2.33 -9.95 8.69
N TYR A 389 2.33 -10.01 8.77
CA TYR A 389 1.95 -10.34 10.00
CA TYR A 389 1.99 -10.56 10.10
C TYR A 389 1.24 -11.71 10.00
C TYR A 389 1.08 -11.76 10.07
N MET A 390 0.50 -12.02 8.91
CA MET A 390 -0.29 -13.23 8.74
C MET A 390 0.57 -14.43 8.28
N GLY A 391 1.88 -14.24 8.14
CA GLY A 391 2.73 -15.34 7.74
C GLY A 391 3.22 -15.34 6.30
N LEU A 392 3.03 -14.22 5.60
CA LEU A 392 3.48 -14.06 4.23
C LEU A 392 4.27 -12.76 4.12
N PRO A 393 5.56 -12.80 4.48
CA PRO A 393 6.39 -11.58 4.38
C PRO A 393 6.32 -11.03 2.97
N THR A 394 5.92 -9.77 2.86
CA THR A 394 5.64 -9.14 1.58
C THR A 394 6.09 -7.68 1.41
N PRO A 395 7.30 -7.48 0.84
CA PRO A 395 7.72 -6.13 0.45
C PRO A 395 6.84 -5.61 -0.70
N ASN A 396 6.80 -4.30 -0.87
CA ASN A 396 6.02 -3.65 -1.92
C ASN A 396 7.01 -3.03 -2.91
N ILE A 397 6.79 -3.33 -4.19
N ILE A 397 6.78 -3.35 -4.19
CA ILE A 397 7.65 -2.90 -5.28
CA ILE A 397 7.63 -2.90 -5.28
C ILE A 397 6.94 -1.90 -6.17
C ILE A 397 6.93 -1.89 -6.18
N PHE A 398 7.71 -0.95 -6.72
CA PHE A 398 7.20 0.10 -7.61
C PHE A 398 6.47 -0.44 -8.83
N THR A 399 5.58 0.37 -9.37
CA THR A 399 4.82 0.03 -10.58
C THR A 399 4.96 1.06 -11.69
N GLY A 400 5.42 2.27 -11.36
CA GLY A 400 5.53 3.35 -12.34
C GLY A 400 4.41 4.38 -12.27
N GLY A 401 3.47 4.20 -11.35
CA GLY A 401 2.35 5.13 -11.22
C GLY A 401 2.63 6.36 -10.37
N GLU A 402 1.98 7.46 -10.73
CA GLU A 402 2.08 8.76 -10.05
C GLU A 402 0.67 9.36 -9.81
N ASN A 403 0.56 10.26 -8.84
CA ASN A 403 -0.69 10.97 -8.57
C ASN A 403 -1.93 10.08 -8.37
N TYR A 404 -1.79 9.02 -7.58
CA TYR A 404 -2.91 8.11 -7.39
C TYR A 404 -4.14 8.75 -6.74
N HIS A 405 -5.29 8.11 -6.95
CA HIS A 405 -6.57 8.49 -6.33
C HIS A 405 -7.25 9.76 -6.86
N GLY A 406 -6.79 10.28 -7.99
CA GLY A 406 -7.38 11.50 -8.59
C GLY A 406 -7.33 11.56 -10.11
N LYS A 407 -7.91 12.63 -10.67
CA LYS A 407 -7.99 12.82 -12.11
C LYS A 407 -6.65 13.04 -12.82
N PHE A 408 -5.62 13.38 -12.04
CA PHE A 408 -4.29 13.64 -12.59
C PHE A 408 -3.36 12.43 -12.50
N GLU A 409 -3.93 11.27 -12.21
CA GLU A 409 -3.15 10.04 -12.13
C GLU A 409 -2.53 9.71 -13.49
N TYR A 410 -1.29 9.27 -13.48
CA TYR A 410 -0.62 8.88 -14.71
C TYR A 410 0.41 7.81 -14.45
N VAL A 411 0.91 7.19 -15.50
CA VAL A 411 1.88 6.13 -15.35
C VAL A 411 2.84 6.13 -16.52
N SER A 412 4.11 5.82 -16.24
CA SER A 412 5.13 5.69 -17.28
C SER A 412 5.23 4.26 -17.73
N VAL A 413 4.99 4.03 -19.02
CA VAL A 413 5.08 2.69 -19.59
C VAL A 413 6.56 2.24 -19.54
N ASP A 414 7.49 3.19 -19.68
CA ASP A 414 8.90 2.86 -19.60
C ASP A 414 9.21 2.25 -18.24
N VAL A 415 8.63 2.85 -17.20
CA VAL A 415 8.84 2.35 -15.83
C VAL A 415 8.10 1.03 -15.63
N MET A 416 6.92 0.85 -16.25
CA MET A 416 6.21 -0.42 -16.18
C MET A 416 7.10 -1.54 -16.71
N GLU A 417 7.82 -1.25 -17.78
N GLU A 417 7.83 -1.26 -17.80
CA GLU A 417 8.72 -2.23 -18.38
CA GLU A 417 8.74 -2.27 -18.36
C GLU A 417 9.85 -2.61 -17.40
C GLU A 417 9.82 -2.63 -17.35
N LYS A 418 10.37 -1.63 -16.67
CA LYS A 418 11.40 -1.86 -15.66
C LYS A 418 10.82 -2.75 -14.55
N ALA A 419 9.56 -2.52 -14.16
CA ALA A 419 8.91 -3.35 -13.13
C ALA A 419 8.81 -4.84 -13.58
N VAL A 420 8.43 -5.05 -14.85
CA VAL A 420 8.41 -6.40 -15.39
C VAL A 420 9.78 -7.05 -15.30
N GLN A 421 10.82 -6.30 -15.69
CA GLN A 421 12.19 -6.81 -15.64
C GLN A 421 12.59 -7.19 -14.21
N VAL A 422 12.14 -6.41 -13.24
CA VAL A 422 12.43 -6.69 -11.83
C VAL A 422 11.78 -8.01 -11.40
N ILE A 423 10.53 -8.24 -11.80
CA ILE A 423 9.86 -9.50 -11.44
C ILE A 423 10.67 -10.70 -12.00
N ILE A 424 11.03 -10.61 -13.27
CA ILE A 424 11.78 -11.65 -13.95
C ILE A 424 13.12 -11.90 -13.24
N GLU A 425 13.83 -10.84 -12.92
N GLU A 425 13.85 -10.83 -12.92
CA GLU A 425 15.13 -10.95 -12.27
CA GLU A 425 15.14 -10.94 -12.23
C GLU A 425 15.00 -11.56 -10.87
C GLU A 425 15.01 -11.56 -10.85
N ILE A 426 13.97 -11.17 -10.11
CA ILE A 426 13.73 -11.74 -8.78
C ILE A 426 13.52 -13.24 -8.91
N ALA A 427 12.66 -13.64 -9.84
CA ALA A 427 12.42 -15.06 -10.02
C ALA A 427 13.71 -15.83 -10.37
N ARG A 428 14.47 -15.32 -11.32
N ARG A 428 14.48 -15.20 -11.25
CA ARG A 428 15.70 -16.01 -11.72
CA ARG A 428 15.76 -15.72 -11.76
C ARG A 428 16.72 -16.07 -10.57
C ARG A 428 16.77 -15.89 -10.63
N ARG A 429 16.82 -14.96 -9.85
N ARG A 429 16.90 -14.87 -9.80
CA ARG A 429 17.77 -14.86 -8.73
CA ARG A 429 17.86 -14.92 -8.68
C ARG A 429 17.52 -15.83 -7.58
C ARG A 429 17.54 -15.93 -7.60
N PHE A 430 16.26 -16.07 -7.24
CA PHE A 430 15.92 -17.06 -6.23
C PHE A 430 16.41 -18.43 -6.65
N GLU A 431 16.26 -18.74 -7.93
CA GLU A 431 16.68 -20.05 -8.43
C GLU A 431 18.20 -20.15 -8.46
N GLU A 432 18.85 -19.08 -8.90
N GLU A 432 18.87 -19.09 -8.92
CA GLU A 432 20.31 -19.09 -9.00
CA GLU A 432 20.33 -19.08 -8.99
C GLU A 432 20.97 -19.25 -7.63
C GLU A 432 20.96 -19.27 -7.62
N GLN A 433 20.40 -18.59 -6.63
CA GLN A 433 20.93 -18.64 -5.25
C GLN A 433 20.52 -19.87 -4.44
N ALA A 434 19.61 -20.69 -4.97
CA ALA A 434 19.16 -21.89 -4.28
C ALA A 434 20.24 -22.97 -4.35
#